data_8XS6
#
_entry.id   8XS6
#
_cell.length_a   67.955
_cell.length_b   98.010
_cell.length_c   79.453
_cell.angle_alpha   90.00
_cell.angle_beta   90.93
_cell.angle_gamma   90.00
#
_symmetry.space_group_name_H-M   'P 1 21 1'
#
loop_
_entity.id
_entity.type
_entity.pdbx_description
1 polymer 'Aryl hydrocarbon receptor nuclear translocator'
2 polymer 'Aryl hydrocarbon receptor'
3 polymer DNAF
4 polymer DNAR
5 non-polymer Tapinarof
6 water water
#
loop_
_entity_poly.entity_id
_entity_poly.type
_entity_poly.pdbx_seq_one_letter_code
_entity_poly.pdbx_strand_id
1 'polypeptide(L)'
;MDKERLARENHSEIERRRRNKMTAYITELSDMVPTCSALARKPDKLTILRMAVSHMKSLRGTGNTSTDGSYKPSFLTDQE
LKHLILEAADGFLFIVSCETGRVVYVSDSVTPVLNQPQSEWFGSTLYDQVHPDDVDKLREQLSTSENALTGRILDLKTGT
VKKEGQQSSMRMCMGSRRSFICRMRCGSSSVDPVSVNRLSFVRNRCRNGLGSVKDGEPHFVVVHCTGYIKAWPPAGVSLP
DDDPEAGQGSKFCLVAIGRLQVTSSPNCTDMSNVCQPTEFISRHNIEGIFTFVDHRCVATVGYQPQELLGKNIVEFCHPE
DQQLLRDSFQQVVKLKGQVLSVMFRFRSKNQEWLWMRTSSFTFQNPYSDEIEYIICTNTNVK
;
A
2 'polypeptide(L)'
;MIPAEGIKSNPSKRHRDRLNTELDRLASLLPFPQDVINKLDKLSVLRLSVSYLRAKSFFDVSLKSSPADRNGVQDNCRTK
FREGLNLQEGEFLLQALNGFVLVVTTDALVFYASSTIQDYLGFQQSDVIHQSVYELIHTEDRAEFQRQLHWALNPSQCPD
SGQRIDEASGLSQPAAYYNPEQLPPENSFMERCFVCRLRCLLDNSSGFLAMNFQGRLKYLHGQNKKGKDGSILPPQLALF
AIATPLQPPSILEIRTKNFIFRTKHKLDFTPTGCDAKGKIVLGYTEAELCMRGTGYQFIHAADMLYCAEYHVRMIKTGES
GMIVFRLLTKDNRWTWVQSNARLVYKNGRPDYIIATQRPLTDEEGKEHLRKRTLKLPFMFATGEAVLYEHHHHHH
;
B
3 'polydeoxyribonucleotide'
;(DC)(DA)(DT)(DC)(DG)(DG)(DG)(DC)(DA)(DT)(DC)(DG)(DC)(DG)(DT)(DG)(DA)(DC)(DA)(DA)
(DG)
;
C
4 'polydeoxyribonucleotide'
;(DG)(DC)(DT)(DT)(DG)(DT)(DC)(DA)(DC)(DG)(DC)(DG)(DA)(DT)(DG)(DC)(DC)(DC)(DG)(DA)
(DT)
;
D
#
# COMPACT_ATOMS: atom_id res chain seq x y z
N MET A 1 33.61 19.82 -33.49
CA MET A 1 34.19 19.84 -34.83
C MET A 1 33.10 19.95 -35.90
N ASP A 2 33.36 19.36 -37.07
CA ASP A 2 32.42 19.43 -38.17
C ASP A 2 31.14 18.68 -37.85
N LYS A 3 30.02 19.24 -38.30
CA LYS A 3 28.70 18.70 -38.00
C LYS A 3 28.56 17.26 -38.52
N GLU A 4 28.69 17.09 -39.83
CA GLU A 4 28.39 15.81 -40.47
C GLU A 4 29.31 14.72 -39.95
N ARG A 5 30.60 15.02 -39.71
CA ARG A 5 31.56 14.02 -39.24
C ARG A 5 31.33 13.64 -37.78
N LEU A 6 30.98 14.61 -36.93
CA LEU A 6 30.62 14.25 -35.55
C LEU A 6 29.45 13.27 -35.56
N ALA A 7 28.40 13.59 -36.32
CA ALA A 7 27.26 12.68 -36.41
C ALA A 7 27.70 11.34 -37.00
N ARG A 8 28.58 11.36 -37.99
CA ARG A 8 28.99 10.15 -38.70
C ARG A 8 29.79 9.22 -37.79
N GLU A 9 30.74 9.78 -37.04
CA GLU A 9 31.55 8.95 -36.13
C GLU A 9 30.72 8.44 -34.96
N ASN A 10 29.76 9.23 -34.47
CA ASN A 10 28.91 8.69 -33.41
C ASN A 10 28.00 7.59 -33.93
N HIS A 11 27.55 7.69 -35.19
CA HIS A 11 26.83 6.58 -35.81
C HIS A 11 27.72 5.35 -35.96
N SER A 12 28.98 5.56 -36.36
CA SER A 12 29.97 4.50 -36.37
C SER A 12 30.02 3.76 -35.04
N GLU A 13 30.19 4.52 -33.95
CA GLU A 13 30.30 3.89 -32.64
C GLU A 13 28.99 3.20 -32.25
N ILE A 14 27.86 3.80 -32.60
CA ILE A 14 26.57 3.19 -32.27
C ILE A 14 26.45 1.81 -32.93
N GLU A 15 26.79 1.72 -34.21
CA GLU A 15 26.71 0.43 -34.88
C GLU A 15 27.75 -0.56 -34.32
N ARG A 16 28.95 -0.06 -34.01
CA ARG A 16 29.98 -0.93 -33.45
C ARG A 16 29.50 -1.58 -32.15
N ARG A 17 28.98 -0.78 -31.24
CA ARG A 17 28.54 -1.34 -29.97
C ARG A 17 27.19 -2.06 -30.08
N ARG A 18 26.42 -1.79 -31.14
CA ARG A 18 25.29 -2.68 -31.46
C ARG A 18 25.80 -4.09 -31.75
N ARG A 19 26.81 -4.21 -32.62
CA ARG A 19 27.41 -5.52 -32.88
C ARG A 19 27.99 -6.12 -31.62
N ASN A 20 28.57 -5.28 -30.75
CA ASN A 20 29.12 -5.76 -29.49
C ASN A 20 28.04 -6.37 -28.61
N LYS A 21 26.91 -5.66 -28.45
CA LYS A 21 25.80 -6.19 -27.68
C LYS A 21 25.27 -7.48 -28.30
N MET A 22 25.23 -7.54 -29.62
CA MET A 22 24.77 -8.76 -30.29
C MET A 22 25.66 -9.94 -29.92
N THR A 23 26.97 -9.78 -30.10
CA THR A 23 27.90 -10.86 -29.80
C THR A 23 27.84 -11.24 -28.31
N ALA A 24 27.74 -10.25 -27.43
CA ALA A 24 27.63 -10.54 -25.99
C ALA A 24 26.39 -11.38 -25.70
N TYR A 25 25.26 -11.02 -26.31
CA TYR A 25 24.05 -11.80 -26.12
C TYR A 25 24.21 -13.22 -26.64
N ILE A 26 24.87 -13.38 -27.79
CA ILE A 26 25.02 -14.73 -28.34
C ILE A 26 25.91 -15.58 -27.45
N THR A 27 26.95 -14.99 -26.85
CA THR A 27 27.75 -15.78 -25.90
C THR A 27 26.97 -16.05 -24.61
N GLU A 28 26.07 -15.16 -24.22
CA GLU A 28 25.18 -15.48 -23.10
C GLU A 28 24.33 -16.70 -23.42
N LEU A 29 23.76 -16.73 -24.64
CA LEU A 29 23.00 -17.90 -25.05
C LEU A 29 23.88 -19.14 -25.07
N SER A 30 25.16 -18.99 -25.45
CA SER A 30 26.09 -20.11 -25.39
C SER A 30 26.26 -20.62 -23.96
N ASP A 31 26.38 -19.70 -22.99
CA ASP A 31 26.43 -20.09 -21.59
C ASP A 31 25.12 -20.71 -21.11
N MET A 32 24.02 -20.46 -21.80
CA MET A 32 22.71 -20.72 -21.23
C MET A 32 22.03 -21.99 -21.72
N VAL A 33 22.54 -22.56 -22.80
CA VAL A 33 21.94 -23.80 -23.35
C VAL A 33 22.86 -24.96 -23.04
N PRO A 34 22.34 -26.19 -22.93
CA PRO A 34 23.08 -27.40 -22.63
C PRO A 34 24.53 -27.50 -23.07
N THR A 35 24.79 -27.21 -24.34
CA THR A 35 26.17 -27.38 -24.85
C THR A 35 26.59 -26.14 -25.66
N LYS A 42 35.02 -24.44 -29.23
CA LYS A 42 34.01 -23.38 -29.11
C LYS A 42 33.27 -23.18 -30.43
N PRO A 43 31.95 -23.23 -30.40
CA PRO A 43 31.17 -23.12 -31.63
C PRO A 43 31.00 -21.68 -32.09
N ASP A 44 30.75 -21.53 -33.39
CA ASP A 44 30.49 -20.22 -33.97
C ASP A 44 29.08 -19.75 -33.62
N LYS A 45 28.72 -18.56 -34.09
CA LYS A 45 27.47 -17.95 -33.64
C LYS A 45 26.25 -18.65 -34.23
N LEU A 46 26.35 -19.17 -35.46
CA LEU A 46 25.20 -19.85 -36.06
C LEU A 46 24.89 -21.15 -35.34
N THR A 47 25.92 -21.93 -35.00
CA THR A 47 25.72 -23.11 -34.17
C THR A 47 25.02 -22.74 -32.87
N ILE A 48 25.49 -21.66 -32.21
CA ILE A 48 24.91 -21.24 -30.95
C ILE A 48 23.43 -20.89 -31.12
N LEU A 49 23.10 -20.19 -32.19
CA LEU A 49 21.71 -19.81 -32.41
C LEU A 49 20.83 -21.03 -32.68
N ARG A 50 21.33 -22.00 -33.45
CA ARG A 50 20.53 -23.18 -33.74
C ARG A 50 20.31 -24.04 -32.50
N MET A 51 21.37 -24.23 -31.69
CA MET A 51 21.21 -24.93 -30.43
C MET A 51 20.23 -24.20 -29.51
N ALA A 52 20.28 -22.87 -29.52
CA ALA A 52 19.40 -22.09 -28.68
C ALA A 52 17.95 -22.21 -29.11
N VAL A 53 17.69 -22.19 -30.42
CA VAL A 53 16.29 -22.30 -30.84
C VAL A 53 15.78 -23.70 -30.57
N SER A 54 16.64 -24.72 -30.68
CA SER A 54 16.21 -26.07 -30.33
C SER A 54 15.90 -26.19 -28.83
N HIS A 55 16.74 -25.58 -27.99
CA HIS A 55 16.48 -25.61 -26.55
C HIS A 55 15.21 -24.85 -26.19
N MET A 56 14.97 -23.71 -26.84
CA MET A 56 13.76 -22.94 -26.56
C MET A 56 12.52 -23.65 -27.07
N LYS A 57 12.63 -24.40 -28.17
CA LYS A 57 11.51 -25.23 -28.60
C LYS A 57 11.26 -26.38 -27.62
N SER A 58 12.33 -26.93 -27.04
CA SER A 58 12.16 -27.95 -26.00
C SER A 58 11.50 -27.37 -24.76
N LEU A 59 11.82 -26.12 -24.42
CA LEU A 59 11.19 -25.45 -23.28
C LEU A 59 9.78 -24.98 -23.58
N ARG A 60 9.42 -24.83 -24.85
CA ARG A 60 8.08 -24.39 -25.20
C ARG A 60 7.42 -25.36 -26.17
N PRO A 73 -0.31 -16.01 -24.07
CA PRO A 73 1.08 -16.35 -23.73
C PRO A 73 1.72 -15.32 -22.81
N SER A 74 2.41 -15.79 -21.78
CA SER A 74 3.08 -14.93 -20.82
C SER A 74 4.54 -15.35 -20.68
N PHE A 75 5.37 -14.40 -20.24
CA PHE A 75 6.80 -14.67 -20.09
C PHE A 75 7.04 -15.77 -19.06
N LEU A 76 6.29 -15.75 -17.97
CA LEU A 76 6.36 -16.78 -16.94
C LEU A 76 5.05 -17.55 -16.89
N THR A 77 5.15 -18.81 -16.45
CA THR A 77 3.96 -19.57 -16.10
C THR A 77 3.34 -18.99 -14.84
N ASP A 78 2.08 -19.37 -14.60
CA ASP A 78 1.36 -18.83 -13.46
C ASP A 78 2.08 -19.11 -12.15
N GLN A 79 2.56 -20.34 -11.98
CA GLN A 79 3.21 -20.70 -10.72
C GLN A 79 4.60 -20.10 -10.60
N GLU A 80 5.30 -19.83 -11.71
CA GLU A 80 6.54 -19.07 -11.62
C GLU A 80 6.30 -17.65 -11.12
N LEU A 81 5.26 -17.01 -11.65
CA LEU A 81 4.87 -15.67 -11.21
C LEU A 81 4.53 -15.67 -9.72
N LYS A 82 3.71 -16.64 -9.29
CA LYS A 82 3.38 -16.77 -7.88
C LYS A 82 4.63 -17.01 -7.04
N HIS A 83 5.55 -17.83 -7.56
CA HIS A 83 6.79 -18.11 -6.85
C HIS A 83 7.58 -16.83 -6.62
N LEU A 84 7.73 -16.01 -7.66
CA LEU A 84 8.45 -14.76 -7.52
C LEU A 84 7.77 -13.87 -6.48
N ILE A 85 6.45 -13.75 -6.55
CA ILE A 85 5.73 -12.88 -5.62
C ILE A 85 5.95 -13.33 -4.18
N LEU A 86 5.71 -14.61 -3.91
CA LEU A 86 5.79 -15.11 -2.53
C LEU A 86 7.23 -15.15 -2.02
N GLU A 87 8.20 -15.38 -2.90
CA GLU A 87 9.61 -15.28 -2.48
C GLU A 87 9.94 -13.85 -2.09
N ALA A 88 9.42 -12.88 -2.84
CA ALA A 88 9.70 -11.49 -2.54
C ALA A 88 9.09 -11.06 -1.20
N ALA A 89 7.78 -11.23 -1.05
CA ALA A 89 7.15 -10.61 0.12
C ALA A 89 6.09 -11.49 0.77
N ASP A 90 6.30 -12.81 0.77
CA ASP A 90 5.43 -13.76 1.46
C ASP A 90 3.96 -13.57 1.12
N GLY A 91 3.10 -13.64 2.14
CA GLY A 91 1.68 -13.41 1.95
C GLY A 91 0.96 -14.66 1.49
N PHE A 92 -0.37 -14.57 1.49
CA PHE A 92 -1.21 -15.63 0.96
C PHE A 92 -2.43 -15.00 0.31
N LEU A 93 -2.91 -15.63 -0.77
CA LEU A 93 -4.04 -15.12 -1.52
C LEU A 93 -5.34 -15.64 -0.93
N PHE A 94 -6.30 -14.74 -0.75
CA PHE A 94 -7.65 -15.14 -0.38
C PHE A 94 -8.64 -14.33 -1.20
N ILE A 95 -9.63 -15.02 -1.75
CA ILE A 95 -10.71 -14.44 -2.52
C ILE A 95 -11.99 -14.71 -1.76
N VAL A 96 -12.56 -13.67 -1.16
CA VAL A 96 -13.82 -13.76 -0.45
C VAL A 96 -14.85 -12.96 -1.23
N SER A 97 -16.10 -13.06 -0.80
CA SER A 97 -17.19 -12.30 -1.42
C SER A 97 -17.57 -11.13 -0.52
N CYS A 98 -17.99 -10.01 -1.12
CA CYS A 98 -18.36 -8.80 -0.33
C CYS A 98 -19.75 -8.98 0.26
N GLU A 99 -20.51 -9.85 -0.38
CA GLU A 99 -21.92 -10.15 -0.03
C GLU A 99 -22.04 -10.85 1.31
N THR A 100 -21.01 -11.55 1.76
CA THR A 100 -21.15 -12.28 3.02
C THR A 100 -19.78 -12.57 3.59
N GLY A 101 -18.73 -12.34 2.82
CA GLY A 101 -17.36 -12.60 3.28
C GLY A 101 -17.00 -14.04 3.10
N ARG A 102 -17.85 -14.78 2.42
CA ARG A 102 -17.63 -16.21 2.24
C ARG A 102 -16.32 -16.46 1.51
N VAL A 103 -15.50 -17.34 2.08
CA VAL A 103 -14.20 -17.67 1.50
C VAL A 103 -14.42 -18.47 0.23
N VAL A 104 -14.30 -17.82 -0.92
CA VAL A 104 -14.42 -18.54 -2.19
C VAL A 104 -13.15 -19.31 -2.48
N TYR A 105 -11.99 -18.74 -2.17
CA TYR A 105 -10.73 -19.37 -2.46
C TYR A 105 -9.68 -18.92 -1.45
N VAL A 106 -8.75 -19.82 -1.16
CA VAL A 106 -7.58 -19.50 -0.36
C VAL A 106 -6.42 -20.37 -0.83
N SER A 107 -5.26 -19.76 -1.03
CA SER A 107 -4.12 -20.50 -1.55
C SER A 107 -3.53 -21.40 -0.47
N ASP A 108 -2.60 -22.26 -0.89
CA ASP A 108 -1.93 -23.13 0.07
C ASP A 108 -1.00 -22.35 0.99
N SER A 109 -0.51 -21.20 0.54
CA SER A 109 0.47 -20.44 1.32
C SER A 109 -0.13 -19.91 2.62
N VAL A 110 -1.41 -20.17 2.86
CA VAL A 110 -2.01 -19.83 4.16
C VAL A 110 -1.44 -20.72 5.26
N THR A 111 -0.94 -21.91 4.92
CA THR A 111 -0.31 -22.75 5.95
C THR A 111 1.00 -22.15 6.46
N PRO A 112 1.94 -21.71 5.62
CA PRO A 112 3.15 -21.07 6.17
C PRO A 112 2.93 -19.67 6.71
N VAL A 113 1.76 -19.07 6.53
CA VAL A 113 1.50 -17.71 6.98
C VAL A 113 0.74 -17.67 8.31
N LEU A 114 -0.35 -18.44 8.40
CA LEU A 114 -1.19 -18.42 9.59
C LEU A 114 -1.10 -19.70 10.40
N ASN A 115 -0.32 -20.68 9.93
CA ASN A 115 -0.29 -22.03 10.52
C ASN A 115 -1.72 -22.58 10.63
N GLN A 116 -2.43 -22.53 9.51
CA GLN A 116 -3.78 -23.02 9.39
C GLN A 116 -3.88 -23.80 8.08
N PRO A 117 -4.58 -24.92 8.07
CA PRO A 117 -4.79 -25.65 6.82
C PRO A 117 -5.84 -24.96 5.96
N GLN A 118 -5.84 -25.31 4.68
CA GLN A 118 -6.94 -24.87 3.81
C GLN A 118 -8.28 -25.39 4.31
N SER A 119 -8.26 -26.44 5.14
CA SER A 119 -9.50 -26.95 5.74
C SER A 119 -10.21 -25.90 6.57
N GLU A 120 -9.47 -24.97 7.17
CA GLU A 120 -10.05 -24.04 8.13
C GLU A 120 -10.73 -22.86 7.46
N TRP A 121 -10.29 -22.47 6.26
CA TRP A 121 -10.83 -21.28 5.60
C TRP A 121 -11.96 -21.60 4.64
N PHE A 122 -11.84 -22.69 3.87
CA PHE A 122 -12.94 -23.13 3.03
C PHE A 122 -14.14 -23.51 3.90
N GLY A 123 -15.33 -23.17 3.43
CA GLY A 123 -16.53 -23.39 4.20
C GLY A 123 -16.78 -22.34 5.26
N SER A 124 -15.97 -21.30 5.32
CA SER A 124 -16.06 -20.26 6.34
C SER A 124 -16.30 -18.91 5.66
N THR A 125 -16.27 -17.85 6.47
CA THR A 125 -16.28 -16.49 5.99
C THR A 125 -15.10 -15.75 6.63
N LEU A 126 -14.72 -14.62 6.02
CA LEU A 126 -13.58 -13.87 6.54
C LEU A 126 -13.86 -13.34 7.94
N TYR A 127 -15.12 -13.09 8.27
CA TYR A 127 -15.47 -12.60 9.60
C TYR A 127 -15.17 -13.66 10.67
N ASP A 128 -15.33 -14.94 10.33
CA ASP A 128 -15.02 -16.02 11.27
C ASP A 128 -13.52 -16.22 11.46
N GLN A 129 -12.68 -15.62 10.63
CA GLN A 129 -11.24 -15.85 10.68
C GLN A 129 -10.47 -14.66 11.24
N VAL A 130 -11.14 -13.58 11.60
CA VAL A 130 -10.44 -12.41 12.11
C VAL A 130 -10.85 -12.14 13.56
N HIS A 131 -10.20 -11.15 14.18
CA HIS A 131 -10.54 -10.79 15.54
C HIS A 131 -11.97 -10.28 15.61
N PRO A 132 -12.73 -10.64 16.66
CA PRO A 132 -14.11 -10.15 16.76
C PRO A 132 -14.22 -8.63 16.73
N ASP A 133 -13.35 -7.91 17.45
CA ASP A 133 -13.42 -6.46 17.47
C ASP A 133 -13.09 -5.85 16.11
N ASP A 134 -12.43 -6.60 15.23
CA ASP A 134 -12.18 -6.14 13.87
C ASP A 134 -13.35 -6.44 12.93
N VAL A 135 -14.32 -7.23 13.38
CA VAL A 135 -15.36 -7.77 12.48
C VAL A 135 -16.14 -6.65 11.82
N ASP A 136 -16.19 -5.47 12.43
CA ASP A 136 -16.92 -4.36 11.83
C ASP A 136 -16.03 -3.56 10.88
N LYS A 137 -14.75 -3.36 11.24
CA LYS A 137 -13.82 -2.75 10.31
C LYS A 137 -13.81 -3.50 8.98
N LEU A 138 -13.73 -4.84 9.07
CA LEU A 138 -13.85 -5.68 7.88
C LEU A 138 -15.05 -5.30 7.04
N ARG A 139 -16.20 -5.10 7.68
CA ARG A 139 -17.41 -4.76 6.93
C ARG A 139 -17.21 -3.49 6.11
N GLU A 140 -16.57 -2.47 6.69
CA GLU A 140 -16.36 -1.22 5.97
C GLU A 140 -15.47 -1.40 4.76
N GLN A 141 -14.67 -2.47 4.72
CA GLN A 141 -13.81 -2.73 3.58
C GLN A 141 -14.48 -3.60 2.52
N LEU A 142 -15.64 -4.18 2.82
CA LEU A 142 -16.34 -5.04 1.87
C LEU A 142 -17.62 -4.42 1.32
N SER A 143 -18.02 -3.24 1.81
CA SER A 143 -19.29 -2.66 1.39
C SER A 143 -19.22 -2.21 -0.07
N THR A 144 -20.23 -2.62 -0.85
CA THR A 144 -20.36 -2.27 -2.27
C THR A 144 -19.08 -2.53 -3.07
N SER A 176 -11.77 0.76 -6.10
CA SER A 176 -11.20 -0.48 -6.62
C SER A 176 -10.31 -1.17 -5.57
N ARG A 177 -9.22 -0.52 -5.17
CA ARG A 177 -8.25 -1.14 -4.30
C ARG A 177 -8.67 -1.03 -2.84
N ARG A 178 -8.19 -1.98 -2.04
CA ARG A 178 -8.42 -2.04 -0.59
C ARG A 178 -7.09 -2.33 0.08
N SER A 179 -6.88 -1.73 1.25
CA SER A 179 -5.62 -1.89 1.98
C SER A 179 -5.90 -1.66 3.45
N PHE A 180 -5.92 -2.74 4.24
CA PHE A 180 -6.26 -2.64 5.65
C PHE A 180 -5.38 -3.61 6.44
N ILE A 181 -5.55 -3.62 7.75
CA ILE A 181 -4.88 -4.57 8.63
C ILE A 181 -5.89 -5.11 9.63
N CYS A 182 -5.75 -6.39 9.97
CA CYS A 182 -6.64 -7.00 10.94
C CYS A 182 -5.84 -8.03 11.75
N ARG A 183 -6.55 -8.82 12.55
CA ARG A 183 -5.93 -9.83 13.38
C ARG A 183 -6.59 -11.16 13.04
N MET A 184 -5.81 -12.08 12.47
CA MET A 184 -6.34 -13.34 12.02
C MET A 184 -5.95 -14.47 12.98
N ARG A 185 -6.78 -15.51 13.00
CA ARG A 185 -6.60 -16.63 13.93
C ARG A 185 -5.41 -17.49 13.51
N CYS A 186 -5.16 -18.53 14.31
CA CYS A 186 -4.09 -19.48 14.03
C CYS A 186 -4.50 -20.90 14.40
N GLY A 216 -2.61 -23.70 23.25
CA GLY A 216 -3.74 -24.48 22.80
C GLY A 216 -5.05 -23.73 22.83
N GLU A 217 -4.98 -22.42 23.09
CA GLU A 217 -6.10 -21.50 23.17
C GLU A 217 -6.04 -20.61 21.91
N PRO A 218 -6.92 -19.62 21.71
CA PRO A 218 -6.85 -18.85 20.46
C PRO A 218 -5.62 -17.96 20.40
N HIS A 219 -5.05 -17.85 19.21
CA HIS A 219 -3.87 -17.02 18.96
C HIS A 219 -4.12 -16.21 17.71
N PHE A 220 -4.14 -14.89 17.85
CA PHE A 220 -4.31 -13.97 16.74
C PHE A 220 -2.95 -13.36 16.37
N VAL A 221 -2.83 -12.96 15.12
CA VAL A 221 -1.63 -12.31 14.61
C VAL A 221 -2.03 -11.17 13.67
N VAL A 222 -1.30 -10.06 13.76
CA VAL A 222 -1.50 -8.92 12.87
C VAL A 222 -1.25 -9.33 11.43
N VAL A 223 -2.14 -8.93 10.53
CA VAL A 223 -2.03 -9.27 9.11
C VAL A 223 -2.37 -8.04 8.29
N HIS A 224 -1.45 -7.64 7.41
CA HIS A 224 -1.69 -6.55 6.47
C HIS A 224 -2.23 -7.12 5.17
N CYS A 225 -3.46 -6.78 4.83
CA CYS A 225 -4.11 -7.25 3.60
C CYS A 225 -4.18 -6.11 2.59
N THR A 226 -3.91 -6.45 1.34
CA THR A 226 -4.11 -5.51 0.24
C THR A 226 -4.67 -6.26 -0.94
N GLY A 227 -5.59 -5.62 -1.67
CA GLY A 227 -6.27 -6.33 -2.73
C GLY A 227 -7.21 -5.42 -3.48
N TYR A 228 -8.19 -6.04 -4.13
CA TYR A 228 -9.08 -5.30 -5.01
C TYR A 228 -10.44 -5.98 -5.09
N ILE A 229 -11.40 -5.23 -5.63
CA ILE A 229 -12.76 -5.71 -5.83
C ILE A 229 -12.91 -6.11 -7.29
N LYS A 230 -13.31 -7.36 -7.52
CA LYS A 230 -13.42 -7.94 -8.85
C LYS A 230 -14.84 -8.44 -9.08
N ALA A 231 -15.28 -8.34 -10.34
CA ALA A 231 -16.61 -8.81 -10.71
C ALA A 231 -16.61 -10.33 -10.79
N TRP A 232 -17.57 -10.95 -10.11
CA TRP A 232 -17.66 -12.40 -10.07
C TRP A 232 -18.70 -12.89 -11.05
N PRO A 233 -18.48 -14.03 -11.73
CA PRO A 233 -17.31 -14.90 -11.66
C PRO A 233 -16.19 -14.43 -12.56
N PRO A 234 -14.97 -14.90 -12.34
CA PRO A 234 -13.83 -14.47 -13.17
C PRO A 234 -13.91 -15.06 -14.57
N ALA A 235 -13.41 -14.30 -15.53
CA ALA A 235 -13.38 -14.76 -16.92
C ALA A 235 -12.35 -15.87 -17.10
N GLY A 236 -12.72 -16.88 -17.89
CA GLY A 236 -11.85 -17.99 -18.20
C GLY A 236 -11.88 -19.14 -17.21
N VAL A 237 -12.52 -18.98 -16.07
CA VAL A 237 -12.63 -20.04 -15.07
C VAL A 237 -14.03 -20.62 -15.18
N SER A 238 -14.12 -21.86 -15.67
CA SER A 238 -15.43 -22.49 -15.87
C SER A 238 -16.09 -22.78 -14.54
N LEU A 239 -17.41 -22.53 -14.48
CA LEU A 239 -18.23 -22.79 -13.31
C LEU A 239 -19.18 -23.94 -13.62
N PRO A 240 -18.82 -25.18 -13.29
CA PRO A 240 -19.69 -26.32 -13.63
C PRO A 240 -21.00 -26.26 -12.87
N ASP A 241 -21.95 -27.06 -13.36
CA ASP A 241 -23.30 -27.05 -12.78
C ASP A 241 -23.31 -27.61 -11.37
N ASP A 242 -22.57 -28.68 -11.12
CA ASP A 242 -22.56 -29.33 -9.82
C ASP A 242 -21.58 -28.70 -8.84
N ASP A 243 -20.88 -27.64 -9.22
CA ASP A 243 -19.93 -27.00 -8.32
C ASP A 243 -20.67 -26.28 -7.20
N PRO A 244 -20.09 -26.26 -5.99
CA PRO A 244 -20.76 -25.54 -4.89
C PRO A 244 -20.93 -24.05 -5.17
N GLU A 245 -20.18 -23.52 -6.13
CA GLU A 245 -20.28 -22.07 -6.40
C GLU A 245 -21.49 -21.76 -7.26
N ALA A 246 -22.02 -22.75 -7.96
CA ALA A 246 -23.16 -22.58 -8.89
C ALA A 246 -24.32 -21.85 -8.23
N GLY A 247 -24.71 -22.20 -7.03
CA GLY A 247 -25.86 -21.52 -6.44
C GLY A 247 -25.50 -20.26 -5.68
N GLN A 248 -24.22 -19.96 -5.57
CA GLN A 248 -23.80 -18.78 -4.79
C GLN A 248 -24.21 -17.52 -5.53
N GLY A 249 -23.66 -17.31 -6.71
CA GLY A 249 -24.08 -16.13 -7.46
C GLY A 249 -23.65 -14.81 -6.85
N SER A 250 -22.42 -14.73 -6.36
CA SER A 250 -21.91 -13.46 -5.85
C SER A 250 -21.69 -12.49 -6.99
N LYS A 251 -21.89 -11.20 -6.71
CA LYS A 251 -21.68 -10.16 -7.70
C LYS A 251 -20.30 -9.51 -7.61
N PHE A 252 -19.69 -9.48 -6.43
CA PHE A 252 -18.36 -8.89 -6.27
C PHE A 252 -17.53 -9.71 -5.29
N CYS A 253 -16.21 -9.63 -5.44
CA CYS A 253 -15.29 -10.37 -4.58
C CYS A 253 -14.09 -9.51 -4.22
N LEU A 254 -13.61 -9.68 -2.99
CA LEU A 254 -12.34 -9.14 -2.57
C LEU A 254 -11.27 -10.19 -2.86
N VAL A 255 -10.43 -9.91 -3.85
CA VAL A 255 -9.24 -10.71 -4.14
C VAL A 255 -8.08 -9.98 -3.49
N ALA A 256 -7.51 -10.55 -2.43
CA ALA A 256 -6.47 -9.86 -1.70
C ALA A 256 -5.37 -10.83 -1.32
N ILE A 257 -4.24 -10.25 -0.91
CA ILE A 257 -3.10 -10.98 -0.35
C ILE A 257 -2.86 -10.44 1.05
N GLY A 258 -2.71 -11.36 2.02
CA GLY A 258 -2.41 -11.00 3.39
C GLY A 258 -1.02 -11.43 3.81
N ARG A 259 -0.26 -10.49 4.38
CA ARG A 259 1.10 -10.73 4.86
C ARG A 259 1.16 -10.57 6.38
N LEU A 260 2.16 -11.22 6.99
CA LEU A 260 2.34 -11.15 8.44
C LEU A 260 2.89 -9.79 8.88
N GLN A 261 3.41 -9.73 10.09
CA GLN A 261 3.91 -8.49 10.70
C GLN A 261 2.82 -7.42 10.75
N GLN A 276 15.74 8.55 22.21
CA GLN A 276 14.69 9.35 21.56
C GLN A 276 13.78 10.04 22.60
N PRO A 277 14.29 11.08 23.27
CA PRO A 277 13.51 11.74 24.32
C PRO A 277 12.67 12.91 23.82
N THR A 278 11.40 12.65 23.47
CA THR A 278 10.53 13.70 22.95
C THR A 278 9.22 13.74 23.74
N GLU A 279 8.15 14.20 23.10
CA GLU A 279 6.82 14.22 23.71
C GLU A 279 5.79 14.29 22.58
N PHE A 280 4.62 13.75 22.86
CA PHE A 280 3.52 13.77 21.89
C PHE A 280 2.22 14.04 22.61
N ILE A 281 1.32 14.73 21.93
CA ILE A 281 0.03 15.07 22.49
C ILE A 281 -0.99 14.01 22.12
N SER A 282 -2.06 13.92 22.90
CA SER A 282 -3.10 12.93 22.64
C SER A 282 -4.43 13.42 23.21
N ARG A 283 -5.51 12.93 22.62
CA ARG A 283 -6.85 13.20 23.12
C ARG A 283 -7.50 11.89 23.54
N HIS A 284 -8.27 11.94 24.62
CA HIS A 284 -8.91 10.75 25.17
C HIS A 284 -10.34 11.07 25.58
N ASN A 285 -11.21 10.06 25.51
CA ASN A 285 -12.48 10.19 26.19
C ASN A 285 -12.27 10.10 27.70
N ILE A 286 -13.32 10.41 28.46
CA ILE A 286 -13.16 10.42 29.92
C ILE A 286 -12.94 9.03 30.48
N GLU A 287 -13.02 7.99 29.65
CA GLU A 287 -12.67 6.63 30.05
C GLU A 287 -11.19 6.32 29.83
N GLY A 288 -10.49 7.11 29.03
CA GLY A 288 -9.07 6.94 28.82
C GLY A 288 -8.65 6.37 27.48
N ILE A 289 -9.56 6.29 26.52
CA ILE A 289 -9.30 5.68 25.23
C ILE A 289 -8.64 6.70 24.31
N PHE A 290 -7.52 6.32 23.69
CA PHE A 290 -6.91 7.14 22.66
C PHE A 290 -7.92 7.41 21.55
N THR A 291 -8.23 8.68 21.29
CA THR A 291 -9.03 9.07 20.14
C THR A 291 -8.29 10.00 19.18
N PHE A 292 -7.16 10.58 19.60
CA PHE A 292 -6.28 11.33 18.72
C PHE A 292 -4.86 11.09 19.21
N VAL A 293 -3.95 10.73 18.31
CA VAL A 293 -2.57 10.39 18.66
C VAL A 293 -1.63 11.21 17.79
N ASP A 294 -0.75 11.98 18.43
CA ASP A 294 0.26 12.73 17.71
C ASP A 294 1.22 11.79 17.00
N HIS A 295 1.68 12.21 15.82
CA HIS A 295 2.62 11.38 15.05
C HIS A 295 3.97 11.25 15.75
N ARG A 296 4.29 12.13 16.69
CA ARG A 296 5.54 12.02 17.43
C ARG A 296 5.58 10.83 18.36
N CYS A 297 4.49 10.05 18.44
CA CYS A 297 4.46 8.90 19.33
C CYS A 297 5.54 7.89 18.95
N VAL A 298 5.80 7.70 17.65
CA VAL A 298 6.83 6.76 17.25
C VAL A 298 8.18 7.20 17.80
N ALA A 299 8.39 8.52 17.93
CA ALA A 299 9.64 9.01 18.47
C ALA A 299 9.69 8.92 19.99
N THR A 300 8.56 8.72 20.65
CA THR A 300 8.50 8.73 22.10
C THR A 300 8.12 7.40 22.72
N VAL A 301 7.28 6.60 22.06
CA VAL A 301 6.89 5.31 22.61
C VAL A 301 7.12 4.22 21.57
N GLY A 302 7.49 4.62 20.35
CA GLY A 302 7.80 3.67 19.30
C GLY A 302 6.62 3.09 18.55
N TYR A 303 5.40 3.23 19.08
CA TYR A 303 4.21 2.74 18.42
C TYR A 303 3.80 3.66 17.27
N GLN A 304 3.15 3.08 16.26
CA GLN A 304 2.46 3.89 15.28
C GLN A 304 1.16 4.43 15.87
N PRO A 305 0.70 5.60 15.40
CA PRO A 305 -0.58 6.13 15.90
C PRO A 305 -1.72 5.13 15.83
N GLN A 306 -1.80 4.34 14.76
CA GLN A 306 -2.85 3.33 14.66
C GLN A 306 -2.73 2.27 15.75
N GLU A 307 -1.50 2.02 16.23
CA GLU A 307 -1.33 1.02 17.28
C GLU A 307 -1.85 1.51 18.63
N LEU A 308 -2.06 2.82 18.79
CA LEU A 308 -2.55 3.40 20.04
C LEU A 308 -4.03 3.73 20.00
N LEU A 309 -4.54 4.24 18.88
CA LEU A 309 -5.92 4.67 18.80
C LEU A 309 -6.87 3.50 19.05
N GLY A 310 -7.94 3.77 19.80
CA GLY A 310 -8.93 2.78 20.14
C GLY A 310 -8.66 2.03 21.42
N LYS A 311 -7.40 1.97 21.86
CA LYS A 311 -7.06 1.31 23.10
C LYS A 311 -7.02 2.31 24.25
N ASN A 312 -7.27 1.82 25.45
CA ASN A 312 -7.14 2.66 26.62
C ASN A 312 -5.66 2.84 26.97
N ILE A 313 -5.34 4.02 27.51
CA ILE A 313 -3.94 4.30 27.82
C ILE A 313 -3.44 3.39 28.94
N VAL A 314 -4.32 3.05 29.89
CA VAL A 314 -3.91 2.21 31.01
C VAL A 314 -3.43 0.84 30.52
N GLU A 315 -3.90 0.40 29.35
CA GLU A 315 -3.44 -0.87 28.79
C GLU A 315 -1.94 -0.87 28.55
N PHE A 316 -1.34 0.30 28.31
CA PHE A 316 0.09 0.42 28.07
C PHE A 316 0.87 0.79 29.33
N CYS A 317 0.21 0.83 30.48
CA CYS A 317 0.78 1.34 31.71
C CYS A 317 1.10 0.21 32.68
N HIS A 318 2.18 0.38 33.44
CA HIS A 318 2.64 -0.64 34.38
C HIS A 318 1.52 -1.00 35.36
N PRO A 319 1.34 -2.29 35.69
CA PRO A 319 0.17 -2.69 36.50
C PRO A 319 0.06 -1.96 37.82
N GLU A 320 1.19 -1.51 38.35
CA GLU A 320 1.14 -0.70 39.56
C GLU A 320 0.69 0.72 39.19
N ASP A 321 1.31 1.38 38.21
CA ASP A 321 0.87 2.76 37.90
C ASP A 321 -0.60 2.91 37.44
N GLN A 322 -1.39 1.83 37.40
CA GLN A 322 -2.69 1.92 36.77
C GLN A 322 -3.72 2.64 37.63
N GLN A 323 -3.81 2.30 38.92
CA GLN A 323 -4.80 2.97 39.76
C GLN A 323 -4.49 4.45 39.93
N LEU A 324 -3.20 4.80 39.96
CA LEU A 324 -2.83 6.20 40.03
C LEU A 324 -3.20 6.94 38.76
N LEU A 325 -2.88 6.37 37.59
CA LEU A 325 -3.26 7.01 36.33
C LEU A 325 -4.78 7.13 36.19
N ARG A 326 -5.51 6.12 36.67
CA ARG A 326 -6.97 6.18 36.65
C ARG A 326 -7.48 7.30 37.55
N ASP A 327 -6.95 7.40 38.78
CA ASP A 327 -7.34 8.48 39.66
C ASP A 327 -7.07 9.84 39.03
N SER A 328 -5.94 9.96 38.32
CA SER A 328 -5.65 11.20 37.61
C SER A 328 -6.71 11.50 36.56
N PHE A 329 -7.08 10.49 35.77
CA PHE A 329 -8.08 10.69 34.74
C PHE A 329 -9.45 11.03 35.32
N GLN A 330 -9.78 10.50 36.50
CA GLN A 330 -11.07 10.80 37.10
C GLN A 330 -11.08 12.17 37.78
N GLN A 331 -9.97 12.57 38.39
CA GLN A 331 -9.91 13.88 39.02
C GLN A 331 -9.71 15.01 38.02
N VAL A 332 -9.19 14.72 36.82
CA VAL A 332 -9.10 15.74 35.79
C VAL A 332 -10.49 16.16 35.32
N VAL A 333 -11.48 15.27 35.47
CA VAL A 333 -12.85 15.60 35.10
C VAL A 333 -13.49 16.51 36.14
N LYS A 334 -13.23 16.25 37.42
CA LYS A 334 -13.80 17.09 38.47
C LYS A 334 -13.25 18.51 38.41
N LEU A 335 -11.96 18.64 38.07
CA LEU A 335 -11.30 19.94 38.01
C LEU A 335 -11.18 20.22 36.51
N LYS A 336 -12.25 20.76 35.93
CA LYS A 336 -12.23 21.07 34.51
C LYS A 336 -11.46 22.36 34.27
N GLY A 337 -10.63 22.36 33.22
CA GLY A 337 -9.73 23.45 32.94
C GLY A 337 -8.44 23.45 33.74
N GLN A 338 -8.39 22.68 34.83
CA GLN A 338 -7.19 22.60 35.66
C GLN A 338 -6.24 21.55 35.12
N VAL A 339 -4.96 21.74 35.40
CA VAL A 339 -3.91 20.84 34.91
C VAL A 339 -3.62 19.79 35.97
N LEU A 340 -3.52 18.53 35.54
CA LEU A 340 -3.17 17.42 36.42
C LEU A 340 -1.97 16.70 35.83
N SER A 341 -0.85 16.74 36.54
CA SER A 341 0.36 16.06 36.10
C SER A 341 0.54 14.78 36.88
N VAL A 342 1.02 13.74 36.20
CA VAL A 342 1.18 12.43 36.83
C VAL A 342 2.27 11.68 36.08
N MET A 343 3.17 11.06 36.84
CA MET A 343 4.27 10.30 36.27
C MET A 343 3.98 8.80 36.36
N PHE A 344 4.29 8.09 35.28
CA PHE A 344 4.02 6.66 35.18
C PHE A 344 4.89 6.09 34.07
N ARG A 345 5.12 4.78 34.11
CA ARG A 345 5.95 4.17 33.09
C ARG A 345 5.09 3.45 32.07
N PHE A 346 5.45 3.63 30.81
CA PHE A 346 4.69 3.26 29.63
C PHE A 346 5.47 2.16 28.91
N ARG A 347 4.81 1.05 28.62
CA ARG A 347 5.49 -0.04 27.96
C ARG A 347 5.68 0.32 26.49
N SER A 348 6.95 0.49 26.08
CA SER A 348 7.24 0.82 24.69
C SER A 348 6.88 -0.37 23.79
N LYS A 349 7.01 -0.15 22.48
CA LYS A 349 6.74 -1.24 21.55
C LYS A 349 7.81 -2.32 21.63
N ASN A 350 9.02 -1.95 22.05
CA ASN A 350 10.07 -2.91 22.36
C ASN A 350 9.89 -3.54 23.73
N GLN A 351 8.73 -3.32 24.35
CA GLN A 351 8.38 -3.91 25.66
C GLN A 351 9.35 -3.49 26.75
N GLU A 352 9.91 -2.29 26.64
CA GLU A 352 10.62 -1.62 27.73
C GLU A 352 9.66 -0.71 28.48
N TRP A 353 10.02 -0.40 29.72
CA TRP A 353 9.28 0.58 30.52
C TRP A 353 9.98 1.93 30.38
N LEU A 354 9.23 2.94 29.92
CA LEU A 354 9.72 4.31 29.80
C LEU A 354 8.97 5.20 30.78
N TRP A 355 9.70 5.88 31.65
CA TRP A 355 9.05 6.81 32.55
C TRP A 355 8.56 8.03 31.77
N MET A 356 7.30 8.43 32.01
CA MET A 356 6.63 9.50 31.31
C MET A 356 5.91 10.40 32.30
N ARG A 357 5.84 11.68 31.96
CA ARG A 357 5.04 12.66 32.69
C ARG A 357 3.89 13.08 31.80
N THR A 358 2.66 12.78 32.22
CA THR A 358 1.45 13.13 31.48
C THR A 358 0.76 14.27 32.21
N SER A 359 0.49 15.36 31.49
CA SER A 359 -0.28 16.48 32.01
C SER A 359 -1.59 16.55 31.23
N SER A 360 -2.70 16.49 31.95
CA SER A 360 -4.01 16.42 31.34
C SER A 360 -4.86 17.61 31.76
N PHE A 361 -5.75 18.02 30.87
CA PHE A 361 -6.75 19.03 31.17
C PHE A 361 -7.94 18.83 30.25
N THR A 362 -9.11 19.29 30.70
CA THR A 362 -10.34 19.09 29.94
C THR A 362 -10.41 20.09 28.80
N PHE A 363 -11.29 19.78 27.85
CA PHE A 363 -11.68 20.70 26.78
C PHE A 363 -13.15 21.07 26.98
N GLN A 364 -13.40 22.36 27.18
CA GLN A 364 -14.74 22.84 27.52
C GLN A 364 -15.47 23.27 26.25
N ASN A 365 -16.67 22.70 26.06
CA ASN A 365 -17.56 23.16 25.01
C ASN A 365 -17.96 24.60 25.29
N PRO A 366 -17.60 25.56 24.44
CA PRO A 366 -17.81 26.98 24.78
C PRO A 366 -19.27 27.37 24.97
N TYR A 367 -20.24 26.53 24.62
CA TYR A 367 -21.64 26.83 24.89
C TYR A 367 -22.15 26.10 26.12
N SER A 368 -22.04 24.77 26.14
CA SER A 368 -22.56 23.96 27.24
C SER A 368 -21.57 23.78 28.38
N ASP A 369 -20.30 24.13 28.19
CA ASP A 369 -19.25 23.93 29.19
C ASP A 369 -19.18 22.46 29.61
N GLU A 370 -19.42 21.56 28.66
CA GLU A 370 -19.33 20.14 28.91
C GLU A 370 -18.02 19.60 28.34
N ILE A 371 -17.57 18.47 28.89
CA ILE A 371 -16.26 17.93 28.53
C ILE A 371 -16.33 17.30 27.16
N GLU A 372 -15.52 17.79 26.23
CA GLU A 372 -15.44 17.16 24.91
C GLU A 372 -14.43 16.02 24.89
N TYR A 373 -13.23 16.26 25.42
CA TYR A 373 -12.22 15.22 25.56
C TYR A 373 -11.14 15.74 26.51
N ILE A 374 -10.19 14.86 26.82
CA ILE A 374 -9.06 15.17 27.69
C ILE A 374 -7.81 15.28 26.83
N ILE A 375 -7.08 16.39 26.99
CA ILE A 375 -5.84 16.62 26.26
C ILE A 375 -4.67 16.24 27.16
N CYS A 376 -3.84 15.33 26.70
CA CYS A 376 -2.64 14.89 27.42
C CYS A 376 -1.41 15.28 26.61
N THR A 377 -0.35 15.64 27.30
CA THR A 377 0.96 15.90 26.68
C THR A 377 1.92 14.91 27.31
N ASN A 378 2.07 13.74 26.68
CA ASN A 378 2.90 12.68 27.20
C ASN A 378 4.35 12.97 26.85
N THR A 379 5.18 13.14 27.87
CA THR A 379 6.58 13.52 27.72
C THR A 379 7.48 12.44 28.29
N ASN A 380 8.60 12.19 27.62
CA ASN A 380 9.58 11.24 28.11
C ASN A 380 10.44 11.87 29.19
N VAL A 381 10.91 11.03 30.11
CA VAL A 381 11.73 11.49 31.22
C VAL A 381 13.14 10.92 31.13
N SER B 9 22.76 -13.74 -55.11
CA SER B 9 24.02 -14.51 -54.96
C SER B 9 25.11 -13.58 -54.42
N ASN B 10 25.65 -13.89 -53.24
CA ASN B 10 26.74 -13.14 -52.55
C ASN B 10 27.10 -13.90 -51.28
N PRO B 11 28.35 -14.34 -51.09
CA PRO B 11 28.71 -15.12 -49.89
C PRO B 11 28.20 -14.55 -48.57
N SER B 12 28.71 -13.37 -48.19
CA SER B 12 28.34 -12.81 -46.89
C SER B 12 26.86 -12.50 -46.80
N LYS B 13 26.21 -12.18 -47.93
CA LYS B 13 24.77 -11.97 -47.90
C LYS B 13 24.05 -13.25 -47.50
N ARG B 14 24.47 -14.39 -48.03
CA ARG B 14 23.82 -15.65 -47.65
C ARG B 14 24.19 -16.04 -46.22
N HIS B 15 25.38 -15.69 -45.76
CA HIS B 15 25.74 -15.95 -44.36
C HIS B 15 24.83 -15.16 -43.42
N ARG B 16 24.67 -13.87 -43.68
CA ARG B 16 23.79 -13.06 -42.86
C ARG B 16 22.32 -13.42 -43.07
N ASP B 17 21.97 -14.00 -44.22
CA ASP B 17 20.63 -14.55 -44.38
C ASP B 17 20.42 -15.74 -43.46
N ARG B 18 21.44 -16.59 -43.30
CA ARG B 18 21.35 -17.68 -42.33
C ARG B 18 21.23 -17.15 -40.91
N LEU B 19 22.04 -16.14 -40.57
CA LEU B 19 21.92 -15.51 -39.27
C LEU B 19 20.52 -14.96 -39.04
N ASN B 20 19.96 -14.29 -40.05
CA ASN B 20 18.65 -13.68 -39.91
C ASN B 20 17.54 -14.72 -39.84
N THR B 21 17.65 -15.83 -40.57
CA THR B 21 16.62 -16.86 -40.47
C THR B 21 16.66 -17.53 -39.11
N GLU B 22 17.85 -17.70 -38.53
CA GLU B 22 17.91 -18.23 -37.17
C GLU B 22 17.37 -17.22 -36.16
N LEU B 23 17.62 -15.93 -36.39
CA LEU B 23 17.05 -14.91 -35.53
C LEU B 23 15.52 -14.89 -35.63
N ASP B 24 15.00 -15.13 -36.83
CA ASP B 24 13.54 -15.22 -37.00
C ASP B 24 12.98 -16.42 -36.24
N ARG B 25 13.64 -17.56 -36.35
CA ARG B 25 13.20 -18.73 -35.59
C ARG B 25 13.26 -18.48 -34.09
N LEU B 26 14.26 -17.73 -33.63
CA LEU B 26 14.35 -17.40 -32.22
C LEU B 26 13.22 -16.47 -31.79
N ALA B 27 12.91 -15.47 -32.63
CA ALA B 27 11.84 -14.53 -32.30
C ALA B 27 10.47 -15.22 -32.30
N SER B 28 10.28 -16.17 -33.21
CA SER B 28 9.00 -16.88 -33.28
C SER B 28 8.69 -17.66 -32.02
N LEU B 29 9.72 -18.01 -31.23
CA LEU B 29 9.57 -18.85 -30.06
C LEU B 29 9.49 -18.07 -28.75
N LEU B 30 9.52 -16.75 -28.80
CA LEU B 30 9.45 -15.98 -27.57
C LEU B 30 8.04 -16.04 -26.99
N PRO B 31 7.91 -16.12 -25.64
CA PRO B 31 6.59 -16.25 -24.99
C PRO B 31 5.85 -14.92 -24.86
N PHE B 32 5.66 -14.24 -25.98
CA PHE B 32 4.97 -12.96 -26.04
C PHE B 32 3.91 -13.02 -27.11
N PRO B 33 2.87 -12.19 -27.02
CA PRO B 33 1.91 -12.08 -28.11
C PRO B 33 2.59 -11.64 -29.39
N GLN B 34 2.12 -12.18 -30.52
CA GLN B 34 2.79 -11.92 -31.79
C GLN B 34 2.77 -10.45 -32.18
N ASP B 35 1.81 -9.66 -31.69
CA ASP B 35 1.85 -8.23 -31.95
C ASP B 35 3.03 -7.58 -31.22
N VAL B 36 3.47 -8.18 -30.11
CA VAL B 36 4.68 -7.70 -29.45
C VAL B 36 5.92 -8.25 -30.13
N ILE B 37 5.85 -9.45 -30.67
CA ILE B 37 7.00 -10.06 -31.32
C ILE B 37 7.33 -9.35 -32.63
N ASN B 38 6.30 -8.96 -33.39
CA ASN B 38 6.52 -8.37 -34.71
C ASN B 38 7.22 -7.02 -34.61
N LYS B 39 6.96 -6.25 -33.55
CA LYS B 39 7.59 -4.95 -33.37
C LYS B 39 8.89 -5.03 -32.59
N LEU B 40 9.49 -6.21 -32.51
CA LEU B 40 10.78 -6.40 -31.87
C LEU B 40 11.91 -6.24 -32.88
N ASP B 41 13.03 -5.71 -32.41
CA ASP B 41 14.28 -5.68 -33.16
C ASP B 41 15.14 -6.88 -32.78
N LYS B 42 16.13 -7.16 -33.63
CA LYS B 42 16.94 -8.37 -33.46
C LYS B 42 17.70 -8.35 -32.13
N LEU B 43 18.22 -7.19 -31.75
CA LEU B 43 18.95 -7.08 -30.49
C LEU B 43 18.03 -7.39 -29.30
N SER B 44 16.84 -6.81 -29.31
CA SER B 44 15.88 -7.14 -28.26
C SER B 44 15.41 -8.59 -28.35
N VAL B 45 15.39 -9.17 -29.55
CA VAL B 45 15.04 -10.59 -29.70
C VAL B 45 16.04 -11.45 -28.95
N LEU B 46 17.33 -11.23 -29.21
CA LEU B 46 18.37 -11.97 -28.50
C LEU B 46 18.32 -11.71 -27.00
N ARG B 47 18.13 -10.46 -26.61
CA ARG B 47 18.08 -10.12 -25.18
C ARG B 47 16.92 -10.82 -24.49
N LEU B 48 15.74 -10.82 -25.12
CA LEU B 48 14.58 -11.44 -24.50
C LEU B 48 14.73 -12.95 -24.43
N SER B 49 15.31 -13.57 -25.45
CA SER B 49 15.51 -15.02 -25.38
C SER B 49 16.55 -15.38 -24.31
N VAL B 50 17.60 -14.57 -24.16
CA VAL B 50 18.51 -14.74 -23.04
C VAL B 50 17.75 -14.66 -21.73
N SER B 51 16.87 -13.67 -21.60
CA SER B 51 16.10 -13.49 -20.36
C SER B 51 15.23 -14.70 -20.08
N TYR B 52 14.55 -15.21 -21.12
CA TYR B 52 13.70 -16.38 -20.94
C TYR B 52 14.50 -17.59 -20.51
N LEU B 53 15.68 -17.79 -21.12
CA LEU B 53 16.52 -18.93 -20.74
C LEU B 53 17.01 -18.80 -19.30
N ARG B 54 17.46 -17.60 -18.91
CA ARG B 54 17.93 -17.41 -17.53
C ARG B 54 16.80 -17.61 -16.53
N ALA B 55 15.61 -17.12 -16.85
CA ALA B 55 14.46 -17.34 -15.98
C ALA B 55 14.16 -18.82 -15.83
N LYS B 56 14.04 -19.54 -16.94
CA LYS B 56 13.70 -20.95 -16.86
C LYS B 56 14.79 -21.74 -16.14
N SER B 57 16.05 -21.35 -16.32
CA SER B 57 17.14 -22.05 -15.65
C SER B 57 17.09 -21.81 -14.15
N PHE B 58 16.74 -20.60 -13.72
CA PHE B 58 16.60 -20.34 -12.28
C PHE B 58 15.39 -21.08 -11.71
N PHE B 59 14.29 -21.13 -12.46
CA PHE B 59 13.10 -21.81 -11.96
C PHE B 59 13.32 -23.32 -11.91
N ASP B 60 14.18 -23.86 -12.78
CA ASP B 60 14.50 -25.28 -12.73
C ASP B 60 15.13 -25.66 -11.40
N VAL B 61 15.73 -24.71 -10.70
CA VAL B 61 16.36 -24.97 -9.41
C VAL B 61 15.46 -24.57 -8.26
N SER B 62 14.78 -23.42 -8.37
CA SER B 62 14.07 -22.86 -7.24
C SER B 62 12.64 -23.39 -7.09
N LEU B 63 11.95 -23.73 -8.18
CA LEU B 63 10.54 -24.07 -8.12
C LEU B 63 10.31 -25.53 -8.52
N LYS B 64 9.28 -26.13 -7.92
CA LYS B 64 8.88 -27.50 -8.20
C LYS B 64 10.03 -28.47 -7.95
N GLY B 72 -1.20 -27.00 -5.90
CA GLY B 72 -2.25 -26.04 -5.58
C GLY B 72 -3.16 -26.49 -4.46
N VAL B 73 -4.48 -26.46 -4.72
CA VAL B 73 -5.50 -26.85 -3.76
C VAL B 73 -5.17 -28.23 -3.21
N GLN B 74 -5.01 -28.33 -1.89
CA GLN B 74 -4.72 -29.62 -1.25
C GLN B 74 -5.84 -30.53 -1.71
N ASP B 75 -5.56 -31.80 -2.02
CA ASP B 75 -6.58 -32.73 -2.56
C ASP B 75 -7.56 -33.28 -1.52
N ASN B 76 -8.16 -32.44 -0.68
CA ASN B 76 -9.15 -32.77 0.38
C ASN B 76 -10.09 -31.58 0.41
N CYS B 77 -9.91 -30.67 -0.54
CA CYS B 77 -10.84 -29.50 -0.62
C CYS B 77 -11.22 -29.34 -2.10
N ARG B 78 -10.80 -30.29 -2.93
CA ARG B 78 -10.87 -30.19 -4.40
C ARG B 78 -12.21 -30.10 -5.13
N THR B 79 -12.48 -28.92 -5.66
CA THR B 79 -13.62 -28.66 -6.56
C THR B 79 -13.04 -28.15 -7.88
N LYS B 80 -13.77 -28.26 -8.98
CA LYS B 80 -13.21 -27.88 -10.27
C LYS B 80 -13.14 -26.37 -10.44
N PHE B 81 -14.08 -25.63 -9.83
CA PHE B 81 -13.94 -24.18 -9.82
C PHE B 81 -12.74 -23.75 -9.00
N ARG B 82 -12.49 -24.41 -7.86
CA ARG B 82 -11.30 -24.11 -7.07
C ARG B 82 -10.03 -24.42 -7.87
N GLU B 83 -10.04 -25.48 -8.67
CA GLU B 83 -8.87 -25.79 -9.48
C GLU B 83 -8.67 -24.75 -10.57
N GLY B 84 -9.74 -24.33 -11.22
CA GLY B 84 -9.64 -23.24 -12.18
C GLY B 84 -9.07 -21.98 -11.55
N LEU B 85 -9.54 -21.62 -10.36
CA LEU B 85 -8.98 -20.46 -9.68
C LEU B 85 -7.50 -20.67 -9.35
N ASN B 86 -7.15 -21.87 -8.89
CA ASN B 86 -5.76 -22.16 -8.55
C ASN B 86 -4.83 -22.04 -9.75
N LEU B 87 -5.34 -22.37 -10.95
CA LEU B 87 -4.51 -22.28 -12.13
C LEU B 87 -4.22 -20.84 -12.55
N GLN B 88 -4.87 -19.86 -11.93
CA GLN B 88 -4.58 -18.45 -12.15
C GLN B 88 -4.21 -17.73 -10.87
N GLU B 89 -4.08 -18.47 -9.76
CA GLU B 89 -3.59 -17.96 -8.49
C GLU B 89 -2.44 -16.98 -8.65
N GLY B 90 -1.51 -17.26 -9.57
CA GLY B 90 -0.39 -16.36 -9.80
C GLY B 90 -0.84 -14.99 -10.28
N GLU B 91 -1.69 -14.98 -11.33
CA GLU B 91 -2.20 -13.71 -11.86
C GLU B 91 -3.07 -12.99 -10.85
N PHE B 92 -3.81 -13.74 -10.03
CA PHE B 92 -4.60 -13.12 -8.97
C PHE B 92 -3.69 -12.41 -7.96
N LEU B 93 -2.62 -13.07 -7.54
CA LEU B 93 -1.65 -12.43 -6.65
C LEU B 93 -1.06 -11.20 -7.32
N LEU B 94 -0.77 -11.28 -8.62
CA LEU B 94 -0.20 -10.15 -9.33
C LEU B 94 -1.16 -8.97 -9.36
N GLN B 95 -2.45 -9.24 -9.55
CA GLN B 95 -3.43 -8.16 -9.54
C GLN B 95 -3.65 -7.61 -8.15
N ALA B 96 -3.45 -8.43 -7.12
CA ALA B 96 -3.65 -7.97 -5.76
C ALA B 96 -2.44 -7.22 -5.21
N LEU B 97 -1.34 -7.15 -5.96
CA LEU B 97 -0.14 -6.48 -5.47
C LEU B 97 -0.34 -4.99 -5.33
N ASN B 98 -1.19 -4.38 -6.17
CA ASN B 98 -1.25 -2.93 -6.31
C ASN B 98 0.14 -2.38 -6.65
N GLY B 99 0.79 -3.05 -7.59
CA GLY B 99 2.16 -2.70 -7.95
C GLY B 99 2.75 -3.69 -8.93
N PHE B 100 4.05 -3.94 -8.83
CA PHE B 100 4.67 -4.91 -9.73
C PHE B 100 5.86 -5.58 -9.06
N VAL B 101 6.16 -6.79 -9.54
CA VAL B 101 7.32 -7.55 -9.06
C VAL B 101 8.56 -7.05 -9.80
N LEU B 102 9.68 -7.02 -9.09
CA LEU B 102 10.97 -6.66 -9.66
C LEU B 102 12.01 -7.61 -9.12
N VAL B 103 12.69 -8.32 -10.01
CA VAL B 103 13.84 -9.13 -9.65
C VAL B 103 15.04 -8.54 -10.37
N VAL B 104 16.04 -8.10 -9.60
CA VAL B 104 17.22 -7.44 -10.13
C VAL B 104 18.47 -8.16 -9.63
N THR B 105 19.50 -8.21 -10.47
CA THR B 105 20.72 -8.94 -10.18
C THR B 105 21.79 -8.02 -9.61
N THR B 106 22.90 -8.61 -9.17
CA THR B 106 23.99 -7.82 -8.61
C THR B 106 24.57 -6.86 -9.63
N ASP B 107 24.47 -7.18 -10.93
CA ASP B 107 24.89 -6.27 -11.98
C ASP B 107 23.83 -5.23 -12.30
N ALA B 108 22.81 -5.09 -11.45
CA ALA B 108 21.71 -4.15 -11.65
C ALA B 108 20.98 -4.42 -12.95
N LEU B 109 20.85 -5.70 -13.30
CA LEU B 109 20.08 -6.13 -14.47
C LEU B 109 18.69 -6.54 -14.01
N VAL B 110 17.66 -6.04 -14.69
CA VAL B 110 16.29 -6.45 -14.40
C VAL B 110 16.12 -7.90 -14.82
N PHE B 111 16.29 -8.82 -13.86
CA PHE B 111 16.05 -10.22 -14.15
C PHE B 111 14.61 -10.45 -14.57
N TYR B 112 13.68 -9.73 -13.95
CA TYR B 112 12.27 -9.85 -14.33
C TYR B 112 11.50 -8.65 -13.81
N ALA B 113 10.47 -8.27 -14.57
CA ALA B 113 9.47 -7.32 -14.12
C ALA B 113 8.12 -7.79 -14.64
N SER B 114 7.10 -7.69 -13.78
CA SER B 114 5.77 -8.13 -14.17
C SER B 114 5.14 -7.15 -15.15
N SER B 115 4.12 -7.63 -15.88
CA SER B 115 3.48 -6.80 -16.89
C SER B 115 2.88 -5.54 -16.29
N THR B 116 2.42 -5.61 -15.03
CA THR B 116 1.76 -4.46 -14.41
C THR B 116 2.66 -3.24 -14.29
N ILE B 117 3.97 -3.38 -14.57
CA ILE B 117 4.84 -2.20 -14.61
C ILE B 117 4.34 -1.21 -15.66
N GLN B 118 3.82 -1.73 -16.79
CA GLN B 118 3.23 -0.85 -17.80
C GLN B 118 2.05 -0.09 -17.23
N ASP B 119 1.30 -0.70 -16.30
CA ASP B 119 0.19 -0.01 -15.68
C ASP B 119 0.64 1.08 -14.71
N TYR B 120 1.87 1.02 -14.22
CA TYR B 120 2.32 1.94 -13.17
C TYR B 120 3.40 2.91 -13.61
N LEU B 121 4.26 2.53 -14.54
CA LEU B 121 5.32 3.40 -15.03
C LEU B 121 5.25 3.67 -16.51
N GLY B 122 4.45 2.90 -17.26
CA GLY B 122 4.36 3.05 -18.69
C GLY B 122 5.35 2.25 -19.50
N PHE B 123 6.37 1.69 -18.84
CA PHE B 123 7.34 0.86 -19.53
C PHE B 123 6.77 -0.53 -19.76
N GLN B 124 6.75 -0.96 -21.02
CA GLN B 124 6.28 -2.30 -21.32
C GLN B 124 7.30 -3.32 -20.81
N GLN B 125 6.80 -4.42 -20.28
CA GLN B 125 7.67 -5.46 -19.74
C GLN B 125 8.68 -5.96 -20.76
N SER B 126 8.32 -5.92 -22.05
CA SER B 126 9.22 -6.42 -23.09
C SER B 126 10.51 -5.60 -23.16
N ASP B 127 10.47 -4.33 -22.76
CA ASP B 127 11.60 -3.43 -22.95
C ASP B 127 12.48 -3.29 -21.72
N VAL B 128 12.10 -3.88 -20.59
CA VAL B 128 12.78 -3.62 -19.33
C VAL B 128 13.66 -4.81 -18.94
N ILE B 129 13.23 -6.02 -19.28
CA ILE B 129 13.95 -7.22 -18.87
C ILE B 129 15.33 -7.26 -19.51
N HIS B 130 16.32 -7.69 -18.73
CA HIS B 130 17.73 -7.76 -19.13
C HIS B 130 18.30 -6.39 -19.50
N GLN B 131 17.70 -5.33 -18.98
CA GLN B 131 18.23 -3.98 -19.10
C GLN B 131 18.59 -3.46 -17.71
N SER B 132 19.51 -2.50 -17.67
CA SER B 132 19.97 -1.98 -16.39
C SER B 132 18.85 -1.25 -15.67
N VAL B 133 18.60 -1.63 -14.41
CA VAL B 133 17.47 -1.08 -13.69
C VAL B 133 17.63 0.41 -13.44
N TYR B 134 18.88 0.90 -13.43
CA TYR B 134 19.12 2.33 -13.20
C TYR B 134 18.49 3.20 -14.27
N GLU B 135 18.25 2.67 -15.47
CA GLU B 135 17.56 3.43 -16.51
C GLU B 135 16.15 3.83 -16.08
N LEU B 136 15.53 3.10 -15.15
CA LEU B 136 14.20 3.45 -14.67
C LEU B 136 14.22 4.29 -13.40
N ILE B 137 15.37 4.42 -12.75
CA ILE B 137 15.45 4.96 -11.40
C ILE B 137 16.02 6.37 -11.45
N HIS B 138 15.49 7.24 -10.60
CA HIS B 138 15.99 8.60 -10.48
C HIS B 138 17.47 8.61 -10.12
N THR B 139 18.23 9.50 -10.77
CA THR B 139 19.66 9.61 -10.50
C THR B 139 19.94 9.92 -9.04
N GLU B 140 19.01 10.60 -8.37
CA GLU B 140 19.12 10.91 -6.94
C GLU B 140 18.87 9.70 -6.06
N ASP B 141 18.48 8.56 -6.62
CA ASP B 141 18.13 7.39 -5.83
C ASP B 141 18.87 6.12 -6.26
N ARG B 142 19.66 6.17 -7.33
CA ARG B 142 20.41 4.99 -7.76
C ARG B 142 21.44 4.58 -6.73
N ALA B 143 22.05 5.56 -6.03
CA ALA B 143 23.00 5.23 -4.97
C ALA B 143 22.32 4.44 -3.85
N GLU B 144 21.14 4.90 -3.42
CA GLU B 144 20.41 4.19 -2.37
C GLU B 144 19.97 2.81 -2.85
N PHE B 145 19.54 2.69 -4.10
CA PHE B 145 19.14 1.39 -4.63
C PHE B 145 20.32 0.42 -4.63
N GLN B 146 21.50 0.88 -5.08
CA GLN B 146 22.66 0.01 -5.10
C GLN B 146 23.10 -0.36 -3.70
N ARG B 147 22.98 0.56 -2.75
CA ARG B 147 23.23 0.22 -1.35
C ARG B 147 22.28 -0.87 -0.87
N GLN B 148 21.02 -0.83 -1.33
CA GLN B 148 20.08 -1.88 -0.99
C GLN B 148 20.43 -3.20 -1.66
N LEU B 149 21.10 -3.15 -2.81
CA LEU B 149 21.42 -4.35 -3.56
C LEU B 149 22.51 -5.19 -2.91
N HIS B 150 23.27 -4.62 -1.98
CA HIS B 150 24.40 -5.33 -1.38
C HIS B 150 24.33 -5.32 0.14
N PHE B 189 18.44 -9.97 8.46
CA PHE B 189 19.71 -9.40 8.01
C PHE B 189 19.68 -9.17 6.49
N MET B 190 18.73 -9.83 5.80
CA MET B 190 18.67 -9.76 4.35
C MET B 190 17.29 -9.41 3.81
N GLU B 191 16.36 -9.00 4.66
CA GLU B 191 15.08 -8.47 4.21
C GLU B 191 15.22 -6.96 3.99
N ARG B 192 14.40 -6.42 3.09
CA ARG B 192 14.60 -5.08 2.60
C ARG B 192 13.29 -4.31 2.55
N CYS B 193 13.34 -3.06 3.00
CA CYS B 193 12.19 -2.17 3.03
C CYS B 193 12.70 -0.75 2.78
N PHE B 194 12.35 -0.18 1.63
CA PHE B 194 12.86 1.16 1.32
C PHE B 194 11.96 1.83 0.30
N VAL B 195 12.41 3.00 -0.17
CA VAL B 195 11.63 3.87 -1.05
C VAL B 195 12.54 4.32 -2.19
N CYS B 196 11.95 4.64 -3.32
CA CYS B 196 12.77 5.04 -4.48
C CYS B 196 11.85 5.67 -5.51
N ARG B 197 12.37 6.61 -6.30
CA ARG B 197 11.51 7.26 -7.30
C ARG B 197 11.90 6.73 -8.66
N LEU B 198 10.95 6.13 -9.35
CA LEU B 198 11.21 5.56 -10.66
C LEU B 198 10.51 6.37 -11.75
N ARG B 199 10.99 6.19 -12.98
CA ARG B 199 10.47 6.94 -14.11
C ARG B 199 9.01 6.61 -14.35
N CYS B 200 8.22 7.62 -14.71
CA CYS B 200 6.79 7.47 -14.90
C CYS B 200 6.40 8.05 -16.27
N LEU B 201 6.17 7.17 -17.24
CA LEU B 201 5.74 7.60 -18.56
C LEU B 201 4.25 7.92 -18.62
N LEU B 202 3.48 7.53 -17.61
CA LEU B 202 2.07 7.92 -17.54
C LEU B 202 1.93 9.42 -17.33
N ASP B 203 2.85 10.01 -16.54
CA ASP B 203 2.84 11.45 -16.30
C ASP B 203 2.99 12.23 -17.60
N ASN B 204 3.79 11.70 -18.53
CA ASN B 204 4.03 12.35 -19.82
C ASN B 204 2.74 12.51 -20.62
N GLY B 207 8.36 13.78 -14.64
CA GLY B 207 7.35 12.77 -14.35
C GLY B 207 7.93 11.52 -13.73
N PHE B 208 7.82 11.42 -12.41
CA PHE B 208 8.35 10.29 -11.65
C PHE B 208 7.29 9.82 -10.67
N LEU B 209 7.59 8.68 -10.02
CA LEU B 209 6.69 8.09 -9.05
C LEU B 209 7.50 7.51 -7.91
N ALA B 210 7.16 7.90 -6.68
CA ALA B 210 7.84 7.39 -5.49
C ALA B 210 7.17 6.09 -5.05
N MET B 211 7.96 5.02 -4.98
CA MET B 211 7.45 3.68 -4.74
C MET B 211 8.14 3.04 -3.55
N ASN B 212 7.35 2.35 -2.74
CA ASN B 212 7.85 1.51 -1.66
C ASN B 212 8.26 0.17 -2.23
N PHE B 213 9.51 -0.21 -2.01
CA PHE B 213 10.05 -1.52 -2.36
C PHE B 213 10.12 -2.38 -1.11
N GLN B 214 9.48 -3.56 -1.16
CA GLN B 214 9.49 -4.52 -0.06
C GLN B 214 9.93 -5.86 -0.61
N GLY B 215 11.03 -6.40 -0.09
CA GLY B 215 11.55 -7.62 -0.68
C GLY B 215 12.69 -8.24 0.10
N ARG B 216 13.48 -9.05 -0.59
CA ARG B 216 14.55 -9.83 0.00
C ARG B 216 15.67 -10.01 -1.00
N LEU B 217 16.82 -10.46 -0.51
CA LEU B 217 17.95 -10.83 -1.35
C LEU B 217 18.14 -12.34 -1.29
N LYS B 218 17.97 -13.00 -2.42
CA LYS B 218 18.08 -14.46 -2.49
C LYS B 218 19.02 -14.83 -3.61
N TYR B 219 19.72 -15.96 -3.44
CA TYR B 219 20.72 -16.36 -4.42
C TYR B 219 20.04 -16.74 -5.73
N LEU B 220 20.41 -16.05 -6.81
CA LEU B 220 19.88 -16.34 -8.13
C LEU B 220 20.67 -17.50 -8.72
N HIS B 221 20.11 -18.71 -8.63
CA HIS B 221 20.76 -19.91 -9.12
C HIS B 221 20.66 -20.01 -10.63
N GLY B 222 21.45 -20.94 -11.18
CA GLY B 222 21.31 -21.33 -12.58
C GLY B 222 21.69 -20.26 -13.58
N GLN B 223 22.60 -19.35 -13.21
CA GLN B 223 23.03 -18.29 -14.10
C GLN B 223 24.32 -18.61 -14.82
N ASN B 224 25.05 -19.64 -14.39
CA ASN B 224 26.22 -20.16 -15.09
C ASN B 224 27.20 -19.04 -15.45
N LYS B 225 27.53 -18.22 -14.45
CA LYS B 225 28.52 -17.17 -14.64
C LYS B 225 29.92 -17.76 -14.59
N LYS B 226 30.87 -17.10 -15.27
CA LYS B 226 32.23 -17.67 -15.29
C LYS B 226 33.29 -16.59 -15.06
N GLY B 227 34.54 -16.99 -15.26
CA GLY B 227 35.81 -16.25 -15.09
C GLY B 227 36.90 -17.07 -15.75
N LYS B 228 37.98 -16.48 -16.23
CA LYS B 228 39.00 -17.32 -16.91
C LYS B 228 39.54 -18.38 -15.95
N ILE B 232 33.76 -21.25 -13.60
CA ILE B 232 32.40 -21.35 -13.10
C ILE B 232 32.28 -20.55 -11.80
N LEU B 233 31.23 -19.74 -11.70
CA LEU B 233 31.04 -18.83 -10.58
C LEU B 233 29.90 -19.30 -9.67
N PRO B 234 29.92 -18.93 -8.39
CA PRO B 234 28.79 -19.23 -7.52
C PRO B 234 27.66 -18.25 -7.77
N PRO B 235 26.43 -18.59 -7.38
CA PRO B 235 25.32 -17.65 -7.54
C PRO B 235 25.49 -16.45 -6.64
N GLN B 236 24.97 -15.33 -7.10
CA GLN B 236 25.01 -14.08 -6.33
C GLN B 236 23.61 -13.67 -5.92
N LEU B 237 23.55 -12.75 -4.97
CA LEU B 237 22.27 -12.34 -4.39
C LEU B 237 21.54 -11.40 -5.35
N ALA B 238 20.32 -11.76 -5.70
CA ALA B 238 19.42 -10.92 -6.46
C ALA B 238 18.31 -10.42 -5.55
N LEU B 239 17.88 -9.18 -5.77
CA LEU B 239 16.76 -8.61 -5.04
C LEU B 239 15.45 -9.08 -5.68
N PHE B 240 14.64 -9.79 -4.90
CA PHE B 240 13.26 -10.11 -5.24
C PHE B 240 12.37 -9.18 -4.44
N ALA B 241 11.68 -8.26 -5.12
CA ALA B 241 10.96 -7.20 -4.42
C ALA B 241 9.62 -6.94 -5.09
N ILE B 242 8.72 -6.33 -4.33
CA ILE B 242 7.46 -5.81 -4.83
C ILE B 242 7.48 -4.31 -4.66
N ALA B 243 7.18 -3.59 -5.74
CA ALA B 243 7.14 -2.14 -5.75
C ALA B 243 5.69 -1.69 -5.79
N THR B 244 5.33 -0.80 -4.88
CA THR B 244 3.98 -0.27 -4.71
C THR B 244 4.05 1.25 -4.67
N PRO B 245 2.95 1.94 -4.99
CA PRO B 245 2.94 3.40 -4.86
C PRO B 245 2.96 3.83 -3.39
N LEU B 246 3.14 5.14 -3.20
CA LEU B 246 3.08 5.75 -1.89
C LEU B 246 1.63 6.14 -1.54
N GLN B 247 1.40 6.43 -0.27
CA GLN B 247 0.04 6.58 0.27
C GLN B 247 -0.11 7.89 1.02
N PRO B 248 -1.14 8.68 0.74
CA PRO B 248 -1.33 9.98 1.42
C PRO B 248 -2.41 9.89 2.49
N PRO B 249 -2.51 10.90 3.37
CA PRO B 249 -3.44 10.79 4.50
C PRO B 249 -4.61 11.78 4.53
N SER B 250 -4.72 12.70 3.56
CA SER B 250 -5.73 13.75 3.63
C SER B 250 -6.57 13.80 2.36
N ILE B 251 -7.86 14.16 2.53
CA ILE B 251 -8.83 14.19 1.44
C ILE B 251 -8.87 15.59 0.85
N LEU B 252 -8.75 15.67 -0.48
CA LEU B 252 -8.90 16.91 -1.23
C LEU B 252 -9.99 16.70 -2.27
N GLU B 253 -10.98 17.58 -2.32
CA GLU B 253 -12.04 17.42 -3.35
C GLU B 253 -11.49 17.90 -4.67
N ILE B 254 -11.77 17.14 -5.72
CA ILE B 254 -11.33 17.45 -7.09
C ILE B 254 -12.29 18.50 -7.63
N ARG B 255 -13.57 18.38 -7.27
CA ARG B 255 -14.62 19.31 -7.72
C ARG B 255 -14.43 20.68 -7.07
N ASN B 258 -16.48 24.06 -7.36
CA ASN B 258 -16.66 24.41 -5.96
C ASN B 258 -17.78 23.58 -5.33
N PHE B 259 -17.46 22.93 -4.22
CA PHE B 259 -18.35 21.96 -3.59
C PHE B 259 -18.84 22.45 -2.24
N ILE B 260 -19.44 23.64 -2.20
CA ILE B 260 -19.90 24.21 -0.93
C ILE B 260 -20.99 23.32 -0.33
N PHE B 261 -20.86 23.03 0.97
CA PHE B 261 -21.88 22.23 1.64
C PHE B 261 -22.19 22.81 3.00
N ARG B 262 -23.48 22.83 3.35
CA ARG B 262 -23.98 23.34 4.62
C ARG B 262 -24.40 22.18 5.52
N THR B 263 -24.20 22.36 6.83
CA THR B 263 -24.72 21.45 7.84
C THR B 263 -25.26 22.25 9.02
N LYS B 264 -26.35 21.75 9.61
CA LYS B 264 -27.00 22.37 10.76
C LYS B 264 -26.55 21.70 12.05
N HIS B 265 -26.39 22.51 13.10
CA HIS B 265 -25.92 21.99 14.38
C HIS B 265 -26.74 22.60 15.52
N LYS B 266 -26.72 21.92 16.66
CA LYS B 266 -27.28 22.52 17.86
C LYS B 266 -26.36 23.64 18.35
N LEU B 267 -26.81 24.36 19.37
CA LEU B 267 -26.04 25.49 19.87
C LEU B 267 -24.72 25.06 20.49
N ASP B 268 -24.57 23.79 20.86
CA ASP B 268 -23.29 23.23 21.27
C ASP B 268 -22.56 22.57 20.10
N PHE B 269 -22.93 22.92 18.86
CA PHE B 269 -22.31 22.43 17.63
C PHE B 269 -22.51 20.93 17.41
N THR B 270 -23.50 20.32 18.05
CA THR B 270 -23.84 18.94 17.75
C THR B 270 -24.60 18.88 16.44
N PRO B 271 -24.07 18.23 15.38
CA PRO B 271 -24.72 18.19 14.09
C PRO B 271 -26.12 17.60 14.09
N THR B 272 -27.04 18.13 13.28
CA THR B 272 -28.41 17.56 13.22
C THR B 272 -28.86 17.33 11.77
N GLY B 273 -28.22 17.99 10.83
CA GLY B 273 -28.58 17.85 9.41
C GLY B 273 -27.38 18.07 8.56
N CYS B 274 -27.40 17.59 7.32
CA CYS B 274 -26.30 17.73 6.39
C CYS B 274 -26.83 17.51 4.98
N ASP B 275 -26.39 18.35 4.04
CA ASP B 275 -26.89 18.30 2.67
C ASP B 275 -26.18 17.18 1.90
N ALA B 276 -26.43 17.12 0.59
CA ALA B 276 -25.87 16.05 -0.22
C ALA B 276 -24.35 16.15 -0.31
N LYS B 277 -23.84 17.29 -0.78
CA LYS B 277 -22.39 17.45 -0.95
C LYS B 277 -21.63 17.19 0.35
N GLY B 278 -22.21 17.55 1.49
CA GLY B 278 -21.59 17.22 2.76
C GLY B 278 -21.38 15.73 2.92
N LYS B 279 -22.41 14.94 2.60
CA LYS B 279 -22.27 13.48 2.58
C LYS B 279 -21.20 13.05 1.60
N ILE B 280 -21.19 13.65 0.40
CA ILE B 280 -20.23 13.27 -0.63
C ILE B 280 -18.80 13.48 -0.12
N VAL B 281 -18.58 14.51 0.69
CA VAL B 281 -17.23 14.90 1.10
C VAL B 281 -16.79 14.20 2.37
N LEU B 282 -17.65 14.18 3.40
CA LEU B 282 -17.25 13.68 4.71
C LEU B 282 -17.47 12.19 4.89
N GLY B 283 -18.23 11.53 4.02
CA GLY B 283 -18.38 10.10 4.06
C GLY B 283 -19.43 9.57 5.00
N TYR B 284 -19.94 10.39 5.92
CA TYR B 284 -21.01 9.97 6.81
C TYR B 284 -22.37 10.19 6.16
N THR B 285 -23.34 9.38 6.57
CA THR B 285 -24.73 9.70 6.34
C THR B 285 -25.29 10.46 7.56
N GLU B 286 -26.51 10.96 7.41
CA GLU B 286 -27.08 11.88 8.41
C GLU B 286 -27.03 11.28 9.81
N ALA B 287 -27.58 10.08 9.97
CA ALA B 287 -27.69 9.45 11.29
C ALA B 287 -26.32 9.32 11.94
N GLU B 288 -25.39 8.63 11.28
CA GLU B 288 -24.06 8.44 11.84
C GLU B 288 -23.35 9.77 12.04
N LEU B 289 -23.70 10.79 11.25
CA LEU B 289 -23.11 12.11 11.46
C LEU B 289 -23.56 12.71 12.78
N CYS B 290 -24.84 12.55 13.14
CA CYS B 290 -25.31 13.13 14.38
C CYS B 290 -24.99 12.29 15.61
N MET B 291 -24.90 10.97 15.48
CA MET B 291 -24.66 10.14 16.64
C MET B 291 -23.23 9.96 17.11
N ARG B 292 -22.34 10.93 16.78
CA ARG B 292 -20.91 10.80 17.06
C ARG B 292 -20.42 11.88 18.00
N GLY B 293 -21.31 12.58 18.67
CA GLY B 293 -20.94 13.69 19.53
C GLY B 293 -21.18 15.03 18.86
N THR B 294 -20.58 16.07 19.45
CA THR B 294 -20.74 17.40 18.90
C THR B 294 -19.73 17.60 17.77
N GLY B 295 -19.59 18.84 17.29
CA GLY B 295 -18.71 19.11 16.17
C GLY B 295 -17.23 19.00 16.55
N TYR B 296 -16.91 19.22 17.82
CA TYR B 296 -15.52 19.15 18.25
C TYR B 296 -14.96 17.74 18.21
N GLN B 297 -15.81 16.72 18.11
CA GLN B 297 -15.35 15.35 17.99
C GLN B 297 -14.80 15.05 16.60
N PHE B 298 -15.06 15.92 15.62
CA PHE B 298 -14.55 15.75 14.26
C PHE B 298 -13.38 16.66 13.95
N ILE B 299 -13.05 17.61 14.82
CA ILE B 299 -12.09 18.64 14.49
C ILE B 299 -10.68 18.17 14.83
N HIS B 300 -9.74 18.46 13.92
CA HIS B 300 -8.34 18.12 14.16
C HIS B 300 -7.84 18.80 15.44
N ALA B 301 -7.01 18.09 16.19
CA ALA B 301 -6.53 18.61 17.47
C ALA B 301 -5.76 19.91 17.31
N ALA B 302 -5.03 20.06 16.21
CA ALA B 302 -4.32 21.31 15.95
C ALA B 302 -5.24 22.46 15.60
N ASP B 303 -6.56 22.23 15.54
CA ASP B 303 -7.51 23.28 15.16
C ASP B 303 -8.59 23.54 16.20
N MET B 304 -8.74 22.68 17.21
CA MET B 304 -9.90 22.76 18.09
C MET B 304 -9.98 24.10 18.80
N LEU B 305 -8.83 24.69 19.17
CA LEU B 305 -8.86 25.93 19.93
C LEU B 305 -9.27 27.11 19.05
N TYR B 306 -8.85 27.12 17.78
CA TYR B 306 -9.28 28.18 16.87
C TYR B 306 -10.79 28.11 16.62
N CYS B 307 -11.32 26.92 16.36
CA CYS B 307 -12.77 26.78 16.20
C CYS B 307 -13.50 27.14 17.48
N ALA B 308 -12.92 26.85 18.65
CA ALA B 308 -13.57 27.25 19.89
C ALA B 308 -13.61 28.77 20.02
N GLU B 309 -12.51 29.44 19.68
CA GLU B 309 -12.49 30.89 19.68
C GLU B 309 -13.54 31.46 18.75
N TYR B 310 -13.63 30.89 17.54
CA TYR B 310 -14.60 31.42 16.59
C TYR B 310 -16.03 31.06 17.01
N HIS B 311 -16.21 29.96 17.74
CA HIS B 311 -17.53 29.63 18.29
C HIS B 311 -17.93 30.65 19.34
N VAL B 312 -17.00 31.05 20.22
CA VAL B 312 -17.37 32.07 21.18
C VAL B 312 -17.61 33.40 20.49
N ARG B 313 -16.89 33.68 19.39
CA ARG B 313 -17.16 34.88 18.60
C ARG B 313 -18.57 34.86 18.04
N MET B 314 -18.99 33.70 17.53
CA MET B 314 -20.35 33.56 17.01
C MET B 314 -21.39 33.68 18.12
N ILE B 315 -21.10 33.09 19.28
CA ILE B 315 -22.00 33.19 20.42
C ILE B 315 -22.21 34.66 20.80
N LYS B 316 -21.15 35.46 20.74
CA LYS B 316 -21.20 36.84 21.19
C LYS B 316 -21.67 37.82 20.12
N THR B 317 -21.54 37.48 18.83
CA THR B 317 -21.96 38.39 17.76
C THR B 317 -22.95 37.79 16.78
N GLY B 318 -23.01 36.46 16.65
CA GLY B 318 -23.88 35.80 15.70
C GLY B 318 -23.16 35.25 14.48
N GLU B 319 -21.97 35.74 14.18
CA GLU B 319 -21.21 35.31 13.01
C GLU B 319 -19.84 34.82 13.46
N SER B 320 -19.37 33.75 12.82
CA SER B 320 -18.06 33.18 13.18
C SER B 320 -16.92 33.98 12.58
N GLY B 321 -17.06 34.39 11.33
CA GLY B 321 -15.89 34.83 10.57
C GLY B 321 -15.22 33.65 9.88
N MET B 322 -14.55 33.96 8.77
CA MET B 322 -13.95 32.91 7.95
C MET B 322 -12.86 32.17 8.71
N ILE B 323 -13.08 30.89 9.02
CA ILE B 323 -12.10 30.10 9.73
C ILE B 323 -11.69 28.93 8.84
N VAL B 324 -10.48 28.41 9.07
CA VAL B 324 -9.94 27.29 8.30
C VAL B 324 -9.47 26.21 9.27
N PHE B 325 -9.88 24.97 9.03
CA PHE B 325 -9.50 23.87 9.92
C PHE B 325 -9.66 22.55 9.17
N ARG B 326 -9.54 21.44 9.91
CA ARG B 326 -9.60 20.10 9.34
C ARG B 326 -10.70 19.29 10.03
N LEU B 327 -11.36 18.45 9.24
CA LEU B 327 -12.44 17.60 9.76
C LEU B 327 -12.18 16.14 9.43
N LEU B 328 -12.55 15.28 10.37
CA LEU B 328 -12.34 13.85 10.26
C LEU B 328 -13.47 13.23 9.43
N THR B 329 -13.11 12.56 8.34
CA THR B 329 -14.08 11.89 7.50
C THR B 329 -14.43 10.51 8.07
N LYS B 330 -15.33 9.81 7.38
CA LYS B 330 -15.77 8.49 7.85
C LYS B 330 -14.64 7.48 7.81
N ASP B 331 -13.77 7.57 6.79
CA ASP B 331 -12.60 6.70 6.70
C ASP B 331 -11.42 7.21 7.51
N ASN B 332 -11.67 8.04 8.52
CA ASN B 332 -10.63 8.54 9.43
C ASN B 332 -9.54 9.31 8.67
N ARG B 333 -9.96 10.10 7.69
CA ARG B 333 -9.06 10.99 6.96
C ARG B 333 -9.37 12.44 7.31
N TRP B 334 -8.37 13.31 7.18
CA TRP B 334 -8.51 14.73 7.45
C TRP B 334 -8.78 15.48 6.16
N THR B 335 -9.84 16.29 6.14
CA THR B 335 -10.12 17.15 5.00
C THR B 335 -10.13 18.60 5.45
N TRP B 336 -9.49 19.46 4.66
CA TRP B 336 -9.46 20.89 4.97
C TRP B 336 -10.80 21.54 4.62
N VAL B 337 -11.20 22.51 5.42
CA VAL B 337 -12.41 23.29 5.16
C VAL B 337 -12.19 24.74 5.59
N GLN B 338 -12.69 25.65 4.77
CA GLN B 338 -12.93 27.03 5.17
C GLN B 338 -14.42 27.17 5.46
N SER B 339 -14.74 27.54 6.69
CA SER B 339 -16.09 27.46 7.22
C SER B 339 -16.48 28.78 7.87
N ASN B 340 -17.79 28.87 8.11
CA ASN B 340 -18.45 30.07 8.63
C ASN B 340 -19.69 29.60 9.38
N ALA B 341 -19.84 30.02 10.62
CA ALA B 341 -20.93 29.58 11.48
C ALA B 341 -21.83 30.76 11.81
N ARG B 342 -23.10 30.66 11.41
CA ARG B 342 -24.10 31.69 11.67
C ARG B 342 -25.22 31.13 12.54
N LEU B 343 -25.75 31.98 13.41
CA LEU B 343 -26.81 31.60 14.33
C LEU B 343 -28.16 32.02 13.78
N VAL B 344 -29.08 31.09 13.68
CA VAL B 344 -30.47 31.40 13.43
C VAL B 344 -31.13 31.65 14.78
N TYR B 345 -32.11 32.55 14.81
CA TYR B 345 -32.80 32.88 16.04
C TYR B 345 -34.26 32.45 15.96
N LYS B 346 -34.80 32.11 17.12
CA LYS B 346 -36.22 31.86 17.33
C LYS B 346 -36.68 32.74 18.47
N ASN B 347 -37.74 33.51 18.24
CA ASN B 347 -38.27 34.45 19.23
C ASN B 347 -37.16 35.33 19.81
N GLY B 348 -36.16 35.66 18.98
CA GLY B 348 -35.10 36.56 19.38
C GLY B 348 -33.98 35.93 20.16
N ARG B 349 -33.96 34.62 20.31
CA ARG B 349 -32.90 33.94 21.04
C ARG B 349 -32.31 32.83 20.19
N PRO B 350 -31.02 32.51 20.37
CA PRO B 350 -30.37 31.56 19.47
C PRO B 350 -31.07 30.22 19.46
N ASP B 351 -31.14 29.60 18.28
CA ASP B 351 -31.84 28.34 18.09
C ASP B 351 -30.91 27.25 17.55
N TYR B 352 -30.19 27.51 16.47
CA TYR B 352 -29.27 26.53 15.92
C TYR B 352 -28.23 27.24 15.06
N ILE B 353 -27.25 26.47 14.62
CA ILE B 353 -26.13 26.96 13.81
C ILE B 353 -26.26 26.40 12.41
N ILE B 354 -25.96 27.22 11.41
CA ILE B 354 -25.87 26.79 10.02
C ILE B 354 -24.44 27.06 9.57
N ALA B 355 -23.61 26.02 9.54
CA ALA B 355 -22.22 26.15 9.18
C ALA B 355 -22.04 25.70 7.73
N THR B 356 -21.50 26.58 6.90
CA THR B 356 -21.24 26.31 5.49
C THR B 356 -19.74 26.19 5.29
N GLN B 357 -19.31 25.12 4.61
CA GLN B 357 -17.90 24.83 4.41
C GLN B 357 -17.59 24.71 2.92
N ARG B 358 -16.40 25.20 2.55
CA ARG B 358 -15.84 24.98 1.22
C ARG B 358 -14.69 23.99 1.33
N PRO B 359 -14.68 22.90 0.57
CA PRO B 359 -13.54 21.97 0.63
C PRO B 359 -12.29 22.65 0.07
N LEU B 360 -11.20 22.53 0.82
CA LEU B 360 -9.93 23.13 0.44
C LEU B 360 -8.91 22.03 0.14
N THR B 361 -7.82 22.44 -0.52
CA THR B 361 -6.72 21.54 -0.78
C THR B 361 -5.63 21.74 0.27
N ASP B 362 -4.76 20.75 0.40
CA ASP B 362 -3.68 20.80 1.37
C ASP B 362 -2.69 21.92 1.06
N GLU B 363 -2.47 22.21 -0.22
CA GLU B 363 -1.55 23.28 -0.60
C GLU B 363 -2.02 24.62 -0.09
N GLU B 364 -3.34 24.87 -0.10
CA GLU B 364 -3.88 26.09 0.46
C GLU B 364 -4.23 25.96 1.94
N GLY B 365 -4.55 24.75 2.41
CA GLY B 365 -4.77 24.57 3.84
C GLY B 365 -3.52 24.84 4.66
N LYS B 366 -2.39 24.30 4.21
CA LYS B 366 -1.12 24.60 4.86
C LYS B 366 -0.77 26.08 4.75
N GLU B 367 -1.16 26.73 3.65
CA GLU B 367 -0.92 28.16 3.50
C GLU B 367 -1.75 28.96 4.50
N HIS B 368 -3.01 28.58 4.71
CA HIS B 368 -3.81 29.21 5.75
C HIS B 368 -3.20 28.98 7.12
N LEU B 369 -2.71 27.76 7.37
CA LEU B 369 -2.10 27.45 8.66
C LEU B 369 -0.85 28.29 8.90
N ARG B 370 -0.03 28.51 7.90
CA ARG B 370 1.22 29.24 8.15
C ARG B 370 0.96 30.75 8.30
N LYS B 371 -0.15 31.23 7.78
CA LYS B 371 -0.50 32.66 7.87
C LYS B 371 -1.55 32.73 8.97
N ARG B 372 -1.35 31.97 10.03
CA ARG B 372 -2.36 31.96 11.09
C ARG B 372 -2.25 33.22 11.91
N THR B 373 -3.40 33.81 12.18
CA THR B 373 -3.55 35.06 12.94
C THR B 373 -3.18 34.82 14.40
N LEU B 374 -4.06 34.12 15.11
CA LEU B 374 -3.87 33.75 16.52
C LEU B 374 -2.93 32.59 16.55
N LYS B 375 -2.22 32.45 17.63
CA LYS B 375 -1.44 31.23 17.80
C LYS B 375 -1.74 30.65 19.16
N LEU B 376 -1.99 29.36 19.19
CA LEU B 376 -2.47 28.66 20.38
C LEU B 376 -1.76 27.31 20.45
N PRO B 377 -1.71 26.68 21.64
CA PRO B 377 -1.00 25.41 21.75
C PRO B 377 -1.47 24.36 20.75
N PHE B 378 -0.60 23.39 20.46
CA PHE B 378 -0.85 22.30 19.52
C PHE B 378 -1.08 22.80 18.10
N MET B 379 -0.66 24.03 17.81
CA MET B 379 -0.99 24.64 16.52
C MET B 379 -0.42 23.84 15.35
N PHE B 380 0.77 23.26 15.51
CA PHE B 380 1.45 22.57 14.43
C PHE B 380 1.48 21.06 14.63
N ALA B 381 0.55 20.52 15.43
CA ALA B 381 0.52 19.10 15.69
C ALA B 381 -0.09 18.34 14.52
N THR B 382 0.49 17.18 14.22
CA THR B 382 0.01 16.30 13.16
C THR B 382 -0.26 14.93 13.76
N GLY B 383 -1.39 14.33 13.42
CA GLY B 383 -1.72 13.04 13.98
C GLY B 383 -3.00 12.49 13.41
N GLU B 384 -3.31 11.27 13.80
CA GLU B 384 -4.50 10.55 13.36
C GLU B 384 -5.54 10.58 14.47
N ALA B 385 -6.76 10.17 14.12
CA ALA B 385 -7.86 10.19 15.07
C ALA B 385 -8.83 9.07 14.75
N VAL B 386 -9.78 8.88 15.67
CA VAL B 386 -10.88 7.95 15.51
C VAL B 386 -12.14 8.61 16.05
N LEU B 387 -13.28 7.94 15.85
CA LEU B 387 -14.56 8.49 16.25
C LEU B 387 -15.55 7.35 16.41
N TYR B 388 -16.22 7.31 17.56
CA TYR B 388 -17.17 6.25 17.90
C TYR B 388 -18.53 6.88 18.20
N GLU B 389 -19.51 6.01 18.49
CA GLU B 389 -20.87 6.45 18.73
C GLU B 389 -21.15 6.62 20.22
#